data_7YUZ
#
_entry.id   7YUZ
#
_cell.length_a   66.012
_cell.length_b   66.012
_cell.length_c   86.330
_cell.angle_alpha   90.000
_cell.angle_beta   90.000
_cell.angle_gamma   120.000
#
_symmetry.space_group_name_H-M   'P 31 2 1'
#
loop_
_entity.id
_entity.type
_entity.pdbx_description
1 polymer 'Isoform 2B of GTPase KRas'
2 polymer AP8784
3 non-polymer "GUANOSINE-5'-DIPHOSPHATE"
4 non-polymer 'MAGNESIUM ION'
5 non-polymer 'IODIDE ION'
6 water water
#
loop_
_entity_poly.entity_id
_entity_poly.type
_entity_poly.pdbx_seq_one_letter_code
_entity_poly.pdbx_strand_id
1 'polypeptide(L)'
;GSSGGSTEYKLVVVGADGVGKSALTIQLIQNHFVDEYDPTIEDSYRKQVVIDGETCLLDILDTAGQEEYSAMRDQYMRTG
EGFLCVFAINNTKSFEDIHHYREQIKRVKDSEDVPMVLVGNKCDLPSRTVDTKQAQDLARSYGIPFIETSAKTRQGVDDA
FYTLVREIRKHKEKMSKDG
;
A
2 'polypeptide(L)' (MAA)I(SAR)(SAR)(7T2)(SAR)(FCL)W(MEA)(MVA)(7TK) I
#
loop_
_chem_comp.id
_chem_comp.type
_chem_comp.name
_chem_comp.formula
GDP RNA linking GUANOSINE-5'-DIPHOSPHATE 'C10 H15 N5 O11 P2'
IOD non-polymer 'IODIDE ION' 'I -1'
MG non-polymer 'MAGNESIUM ION' 'Mg 2'
#
# COMPACT_ATOMS: atom_id res chain seq x y z
N SER A 6 -7.03 8.12 20.91
CA SER A 6 -6.95 7.21 19.77
C SER A 6 -7.45 7.84 18.46
N THR A 7 -6.54 8.08 17.49
CA THR A 7 -6.89 8.67 16.20
C THR A 7 -6.97 7.56 15.14
N GLU A 8 -8.07 7.46 14.42
CA GLU A 8 -8.24 6.43 13.40
C GLU A 8 -7.61 6.79 12.05
N TYR A 9 -7.03 5.79 11.37
CA TYR A 9 -6.43 5.97 10.06
C TYR A 9 -6.79 4.79 9.15
N LYS A 10 -7.55 5.06 8.09
CA LYS A 10 -7.91 4.00 7.15
C LYS A 10 -6.91 3.88 6.03
N LEU A 11 -6.17 2.78 6.02
CA LEU A 11 -5.17 2.52 5.00
C LEU A 11 -5.65 1.37 4.12
N VAL A 12 -5.17 1.35 2.86
CA VAL A 12 -5.51 0.32 1.88
C VAL A 12 -4.20 -0.08 1.23
N VAL A 13 -3.90 -1.38 1.25
CA VAL A 13 -2.68 -1.89 0.68
C VAL A 13 -3.02 -2.45 -0.68
N VAL A 14 -2.41 -1.88 -1.73
CA VAL A 14 -2.67 -2.24 -3.11
C VAL A 14 -1.40 -2.66 -3.78
N GLY A 15 -1.52 -3.41 -4.87
CA GLY A 15 -0.37 -3.86 -5.62
C GLY A 15 -0.64 -5.19 -6.30
N ALA A 16 0.20 -5.58 -7.26
CA ALA A 16 0.01 -6.84 -8.00
C ALA A 16 -0.04 -8.05 -7.05
N ASP A 17 -0.52 -9.19 -7.55
CA ASP A 17 -0.52 -10.43 -6.77
C ASP A 17 0.95 -10.84 -6.54
N GLY A 18 1.21 -11.34 -5.37
CA GLY A 18 2.54 -11.85 -5.01
C GLY A 18 3.58 -10.84 -4.58
N VAL A 19 3.24 -9.53 -4.51
CA VAL A 19 4.21 -8.50 -4.11
C VAL A 19 4.55 -8.56 -2.62
N GLY A 20 3.67 -9.10 -1.80
CA GLY A 20 3.88 -9.19 -0.37
C GLY A 20 2.97 -8.34 0.46
N LYS A 21 1.83 -7.94 -0.10
CA LYS A 21 0.83 -7.14 0.63
C LYS A 21 0.35 -7.85 1.89
N SER A 22 -0.05 -9.13 1.78
CA SER A 22 -0.54 -9.87 2.96
C SER A 22 0.59 -10.06 3.97
N ALA A 23 1.78 -10.42 3.49
CA ALA A 23 2.95 -10.57 4.35
C ALA A 23 3.32 -9.27 5.07
N LEU A 24 3.33 -8.12 4.35
CA LEU A 24 3.63 -6.80 4.96
C LEU A 24 2.61 -6.47 6.04
N THR A 25 1.31 -6.66 5.71
CA THR A 25 0.20 -6.35 6.60
C THR A 25 0.26 -7.21 7.85
N ILE A 26 0.44 -8.55 7.71
CA ILE A 26 0.53 -9.45 8.86
C ILE A 26 1.79 -9.14 9.69
N GLN A 27 2.89 -8.71 9.06
CA GLN A 27 4.10 -8.33 9.81
C GLN A 27 3.83 -7.14 10.72
N LEU A 28 3.06 -6.17 10.21
CA LEU A 28 2.71 -5.01 10.99
C LEU A 28 1.78 -5.36 12.12
N ILE A 29 0.70 -6.08 11.84
CA ILE A 29 -0.32 -6.40 12.81
C ILE A 29 0.09 -7.47 13.85
N GLN A 30 0.62 -8.61 13.39
CA GLN A 30 0.88 -9.74 14.29
C GLN A 30 2.34 -10.06 14.57
N ASN A 31 3.27 -9.37 13.93
CA ASN A 31 4.70 -9.55 14.14
C ASN A 31 5.20 -10.97 13.79
N HIS A 32 4.72 -11.50 12.65
CA HIS A 32 5.18 -12.79 12.15
C HIS A 32 5.17 -12.79 10.62
N PHE A 33 6.13 -13.47 10.01
CA PHE A 33 6.22 -13.55 8.57
C PHE A 33 5.47 -14.77 8.09
N VAL A 34 4.55 -14.60 7.15
CA VAL A 34 3.84 -15.73 6.58
C VAL A 34 4.56 -16.11 5.30
N ASP A 35 5.07 -17.34 5.26
CA ASP A 35 5.76 -17.82 4.06
C ASP A 35 4.72 -18.11 2.95
N GLU A 36 3.54 -18.58 3.34
CA GLU A 36 2.45 -18.84 2.42
C GLU A 36 1.19 -18.22 3.01
N TYR A 37 0.37 -17.60 2.17
CA TYR A 37 -0.91 -17.04 2.58
C TYR A 37 -1.80 -17.02 1.34
N ASP A 38 -3.01 -17.59 1.43
CA ASP A 38 -3.98 -17.64 0.32
C ASP A 38 -4.01 -16.33 -0.53
N PRO A 39 -3.55 -16.38 -1.79
CA PRO A 39 -3.48 -15.15 -2.62
C PRO A 39 -4.80 -14.49 -2.97
N THR A 40 -5.88 -15.20 -2.74
CA THR A 40 -7.25 -14.88 -3.08
C THR A 40 -7.98 -14.08 -2.00
N ILE A 41 -7.54 -14.16 -0.75
CA ILE A 41 -8.29 -13.56 0.36
C ILE A 41 -7.99 -12.11 0.63
N GLU A 42 -9.08 -11.34 0.72
CA GLU A 42 -9.05 -9.92 1.03
C GLU A 42 -9.56 -9.81 2.46
N ASP A 43 -8.88 -9.02 3.31
CA ASP A 43 -9.27 -8.93 4.71
C ASP A 43 -8.91 -7.59 5.32
N SER A 44 -9.62 -7.17 6.37
CA SER A 44 -9.37 -5.93 7.08
C SER A 44 -8.79 -6.23 8.47
N TYR A 45 -7.99 -5.29 9.00
CA TYR A 45 -7.34 -5.46 10.31
C TYR A 45 -7.43 -4.13 11.07
N ARG A 46 -7.69 -4.17 12.38
CA ARG A 46 -7.74 -2.95 13.19
C ARG A 46 -6.80 -3.08 14.37
N LYS A 47 -5.67 -2.36 14.32
CA LYS A 47 -4.67 -2.48 15.37
C LYS A 47 -4.32 -1.13 15.97
N GLN A 48 -4.14 -1.09 17.28
CA GLN A 48 -3.72 0.12 17.95
C GLN A 48 -2.22 0.15 17.93
N VAL A 49 -1.65 1.31 17.61
CA VAL A 49 -0.22 1.52 17.53
C VAL A 49 0.14 2.96 17.98
N VAL A 50 1.42 3.24 18.29
CA VAL A 50 1.89 4.58 18.68
C VAL A 50 2.82 5.16 17.60
N ILE A 51 2.43 6.27 16.99
CA ILE A 51 3.22 6.90 15.93
C ILE A 51 3.47 8.35 16.30
N ASP A 52 4.73 8.70 16.53
CA ASP A 52 5.11 10.05 16.92
C ASP A 52 4.37 10.55 18.17
N GLY A 53 4.17 9.66 19.14
CA GLY A 53 3.51 10.04 20.38
C GLY A 53 2.00 9.95 20.38
N GLU A 54 1.41 9.77 19.19
CA GLU A 54 -0.02 9.66 19.05
C GLU A 54 -0.44 8.20 19.04
N THR A 55 -1.40 7.86 19.91
CA THR A 55 -1.98 6.53 19.95
C THR A 55 -2.96 6.50 18.79
N CYS A 56 -2.66 5.70 17.75
CA CYS A 56 -3.46 5.57 16.52
C CYS A 56 -4.27 4.25 16.52
N LEU A 57 -5.28 4.20 15.67
CA LEU A 57 -6.02 2.98 15.41
C LEU A 57 -5.95 2.81 13.88
N LEU A 58 -5.11 1.87 13.42
CA LEU A 58 -4.96 1.65 11.99
C LEU A 58 -6.00 0.66 11.51
N ASP A 59 -6.79 1.03 10.51
CA ASP A 59 -7.80 0.18 9.89
C ASP A 59 -7.22 -0.09 8.54
N ILE A 60 -6.63 -1.26 8.33
CA ILE A 60 -5.98 -1.57 7.08
C ILE A 60 -6.77 -2.53 6.26
N LEU A 61 -6.88 -2.31 4.94
CA LEU A 61 -7.50 -3.31 4.07
C LEU A 61 -6.39 -3.96 3.25
N ASP A 62 -6.30 -5.28 3.32
CA ASP A 62 -5.34 -6.05 2.57
C ASP A 62 -6.12 -6.56 1.35
N THR A 63 -5.89 -5.97 0.15
CA THR A 63 -6.65 -6.30 -1.04
C THR A 63 -6.17 -7.55 -1.76
N ALA A 64 -7.11 -8.23 -2.43
CA ALA A 64 -6.84 -9.42 -3.23
C ALA A 64 -7.95 -9.58 -4.27
N GLY A 65 -7.72 -10.42 -5.29
CA GLY A 65 -8.68 -10.61 -6.36
C GLY A 65 -8.62 -9.48 -7.36
N GLN A 66 -7.50 -9.41 -8.09
CA GLN A 66 -7.26 -8.37 -9.11
C GLN A 66 -8.35 -8.32 -10.17
N GLU A 67 -8.73 -9.49 -10.71
CA GLU A 67 -9.67 -9.66 -11.82
C GLU A 67 -11.14 -9.73 -11.44
N GLU A 68 -11.47 -9.66 -10.15
CA GLU A 68 -12.85 -9.76 -9.71
C GLU A 68 -13.36 -8.52 -9.01
N TYR A 69 -14.70 -8.35 -8.99
CA TYR A 69 -15.40 -7.26 -8.31
C TYR A 69 -15.27 -7.46 -6.81
N SER A 70 -15.29 -6.36 -6.05
CA SER A 70 -15.24 -6.40 -4.60
C SER A 70 -15.88 -5.17 -4.04
N ALA A 71 -16.93 -5.35 -3.23
CA ALA A 71 -17.64 -4.23 -2.60
C ALA A 71 -16.80 -3.64 -1.48
N MET A 72 -16.10 -4.48 -0.70
CA MET A 72 -15.29 -3.96 0.40
C MET A 72 -14.16 -3.09 -0.11
N ARG A 73 -13.50 -3.52 -1.19
CA ARG A 73 -12.43 -2.74 -1.79
C ARG A 73 -12.98 -1.45 -2.40
N ASP A 74 -14.22 -1.45 -2.92
CA ASP A 74 -14.87 -0.24 -3.45
C ASP A 74 -15.09 0.75 -2.31
N GLN A 75 -15.60 0.25 -1.16
CA GLN A 75 -15.84 1.08 0.01
C GLN A 75 -14.52 1.64 0.54
N TYR A 76 -13.48 0.80 0.63
CA TYR A 76 -12.17 1.26 1.12
C TYR A 76 -11.45 2.18 0.15
N MET A 77 -11.67 2.01 -1.15
CA MET A 77 -11.01 2.88 -2.13
C MET A 77 -11.58 4.29 -2.08
N ARG A 78 -12.88 4.44 -1.75
CA ARG A 78 -13.54 5.73 -1.66
C ARG A 78 -13.23 6.42 -0.33
N THR A 79 -13.31 5.69 0.78
CA THR A 79 -13.13 6.27 2.11
C THR A 79 -11.71 6.21 2.67
N GLY A 80 -10.82 5.46 2.05
CA GLY A 80 -9.44 5.33 2.53
C GLY A 80 -8.68 6.65 2.51
N GLU A 81 -7.90 6.89 3.55
CA GLU A 81 -7.11 8.11 3.64
C GLU A 81 -5.71 7.93 3.06
N GLY A 82 -5.15 6.72 3.13
CA GLY A 82 -3.81 6.45 2.65
C GLY A 82 -3.77 5.16 1.89
N PHE A 83 -2.88 5.08 0.92
CA PHE A 83 -2.77 3.91 0.08
C PHE A 83 -1.32 3.51 -0.01
N LEU A 84 -1.02 2.26 0.38
CA LEU A 84 0.35 1.77 0.33
C LEU A 84 0.42 1.06 -0.99
N CYS A 85 1.20 1.62 -1.93
CA CYS A 85 1.33 1.13 -3.31
C CYS A 85 2.54 0.26 -3.36
N VAL A 86 2.30 -1.05 -3.28
CA VAL A 86 3.36 -2.03 -3.16
C VAL A 86 3.74 -2.72 -4.45
N PHE A 87 5.05 -2.79 -4.73
CA PHE A 87 5.60 -3.58 -5.81
C PHE A 87 6.70 -4.47 -5.19
N ALA A 88 7.18 -5.47 -5.93
CA ALA A 88 8.30 -6.29 -5.48
C ALA A 88 9.52 -5.87 -6.31
N ILE A 89 10.69 -5.71 -5.67
CA ILE A 89 11.88 -5.24 -6.38
C ILE A 89 12.36 -6.25 -7.45
N ASN A 90 11.94 -7.53 -7.36
CA ASN A 90 12.30 -8.52 -8.38
C ASN A 90 11.16 -8.72 -9.41
N ASN A 91 10.27 -7.72 -9.56
CA ASN A 91 9.13 -7.82 -10.46
C ASN A 91 8.84 -6.49 -11.12
N THR A 92 9.38 -6.30 -12.32
CA THR A 92 9.19 -5.06 -13.08
C THR A 92 7.72 -4.83 -13.47
N LYS A 93 6.95 -5.91 -13.68
CA LYS A 93 5.52 -5.77 -14.01
C LYS A 93 4.74 -5.23 -12.81
N SER A 94 5.10 -5.62 -11.58
CA SER A 94 4.41 -5.08 -10.40
C SER A 94 4.68 -3.59 -10.26
N PHE A 95 5.92 -3.16 -10.57
CA PHE A 95 6.29 -1.77 -10.55
C PHE A 95 5.55 -1.02 -11.65
N GLU A 96 5.45 -1.61 -12.85
CA GLU A 96 4.73 -1.02 -13.98
C GLU A 96 3.24 -0.88 -13.73
N ASP A 97 2.65 -1.65 -12.78
CA ASP A 97 1.23 -1.52 -12.44
C ASP A 97 0.96 -0.38 -11.49
N ILE A 98 2.00 0.14 -10.78
CA ILE A 98 1.81 1.22 -9.79
C ILE A 98 0.99 2.38 -10.34
N HIS A 99 1.41 2.97 -11.49
CA HIS A 99 0.68 4.11 -12.07
C HIS A 99 -0.77 3.79 -12.34
N HIS A 100 -1.05 2.55 -12.75
CA HIS A 100 -2.43 2.12 -12.94
C HIS A 100 -3.21 2.18 -11.60
N TYR A 101 -2.71 1.55 -10.50
CA TYR A 101 -3.40 1.60 -9.19
C TYR A 101 -3.54 3.06 -8.72
N ARG A 102 -2.44 3.82 -8.72
CA ARG A 102 -2.43 5.24 -8.33
C ARG A 102 -3.46 6.06 -9.11
N GLU A 103 -3.49 5.95 -10.46
CA GLU A 103 -4.44 6.74 -11.25
C GLU A 103 -5.87 6.27 -11.06
N GLN A 104 -6.07 4.96 -10.82
CA GLN A 104 -7.40 4.45 -10.52
C GLN A 104 -7.88 5.02 -9.20
N ILE A 105 -6.98 5.07 -8.18
CA ILE A 105 -7.28 5.59 -6.84
C ILE A 105 -7.71 7.06 -6.96
N LYS A 106 -6.84 7.90 -7.54
CA LYS A 106 -7.12 9.33 -7.81
C LYS A 106 -8.48 9.53 -8.48
N ARG A 107 -8.84 8.72 -9.50
CA ARG A 107 -10.12 8.88 -10.20
C ARG A 107 -11.34 8.50 -9.35
N VAL A 108 -11.26 7.41 -8.57
CA VAL A 108 -12.31 7.01 -7.65
C VAL A 108 -12.44 8.09 -6.51
N LYS A 109 -11.32 8.70 -6.10
CA LYS A 109 -11.30 9.73 -5.07
C LYS A 109 -11.66 11.14 -5.59
N ASP A 110 -11.61 11.35 -6.93
CA ASP A 110 -11.83 12.62 -7.61
C ASP A 110 -10.93 13.70 -7.04
N SER A 111 -9.67 13.35 -6.74
CA SER A 111 -8.70 14.26 -6.14
C SER A 111 -7.28 13.98 -6.56
N GLU A 112 -6.51 15.05 -6.76
CA GLU A 112 -5.08 14.94 -7.06
C GLU A 112 -4.22 14.96 -5.76
N ASP A 113 -4.87 15.00 -4.58
CA ASP A 113 -4.24 15.04 -3.28
C ASP A 113 -4.68 13.81 -2.48
N VAL A 114 -4.14 12.64 -2.84
CA VAL A 114 -4.44 11.39 -2.12
C VAL A 114 -3.14 10.91 -1.50
N PRO A 115 -3.10 10.83 -0.16
CA PRO A 115 -1.88 10.35 0.52
C PRO A 115 -1.48 8.92 0.10
N MET A 116 -0.22 8.74 -0.26
CA MET A 116 0.29 7.47 -0.74
C MET A 116 1.76 7.33 -0.41
N VAL A 117 2.20 6.09 -0.25
CA VAL A 117 3.59 5.76 -0.07
C VAL A 117 3.93 4.66 -1.07
N LEU A 118 5.03 4.80 -1.81
CA LEU A 118 5.49 3.77 -2.72
C LEU A 118 6.41 2.82 -1.97
N VAL A 119 6.04 1.53 -1.96
CA VAL A 119 6.83 0.52 -1.28
C VAL A 119 7.50 -0.44 -2.24
N GLY A 120 8.81 -0.64 -2.07
CA GLY A 120 9.59 -1.60 -2.83
C GLY A 120 9.88 -2.78 -1.94
N ASN A 121 8.94 -3.74 -1.90
CA ASN A 121 9.07 -4.89 -1.02
C ASN A 121 10.02 -5.95 -1.55
N LYS A 122 10.45 -6.84 -0.66
CA LYS A 122 11.36 -7.93 -0.92
C LYS A 122 12.80 -7.44 -1.09
N CYS A 123 13.23 -6.40 -0.33
CA CYS A 123 14.59 -5.88 -0.42
C CYS A 123 15.66 -6.86 0.12
N ASP A 124 15.24 -7.97 0.77
CA ASP A 124 16.14 -9.02 1.27
C ASP A 124 16.66 -9.97 0.16
N LEU A 125 16.13 -9.85 -1.08
CA LEU A 125 16.50 -10.74 -2.19
C LEU A 125 17.66 -10.23 -3.06
N PRO A 126 18.61 -11.11 -3.41
CA PRO A 126 19.75 -10.68 -4.24
C PRO A 126 19.36 -10.44 -5.70
N SER A 127 18.49 -11.31 -6.24
CA SER A 127 18.01 -11.16 -7.60
C SER A 127 17.06 -9.98 -7.60
N ARG A 128 17.55 -8.85 -8.13
CA ARG A 128 16.80 -7.60 -8.16
C ARG A 128 16.63 -7.12 -9.60
N THR A 129 15.46 -6.58 -9.94
CA THR A 129 15.19 -6.15 -11.31
C THR A 129 14.76 -4.69 -11.42
N VAL A 130 14.23 -4.10 -10.33
CA VAL A 130 13.83 -2.71 -10.34
C VAL A 130 14.92 -1.93 -9.60
N ASP A 131 15.68 -1.09 -10.30
CA ASP A 131 16.73 -0.31 -9.68
C ASP A 131 16.11 0.73 -8.75
N THR A 132 16.74 1.00 -7.59
CA THR A 132 16.24 2.00 -6.64
C THR A 132 16.05 3.39 -7.30
N LYS A 133 16.81 3.65 -8.38
CA LYS A 133 16.74 4.91 -9.12
C LYS A 133 15.39 5.11 -9.81
N GLN A 134 14.90 4.13 -10.60
CA GLN A 134 13.62 4.30 -11.30
C GLN A 134 12.45 4.46 -10.34
N ALA A 135 12.47 3.73 -9.23
CA ALA A 135 11.38 3.80 -8.25
C ALA A 135 11.40 5.13 -7.51
N GLN A 136 12.62 5.59 -7.15
CA GLN A 136 12.77 6.89 -6.48
C GLN A 136 12.33 8.02 -7.40
N ASP A 137 12.72 7.95 -8.68
CA ASP A 137 12.31 8.96 -9.66
C ASP A 137 10.79 8.97 -9.83
N LEU A 138 10.17 7.77 -9.83
CA LEU A 138 8.73 7.68 -9.93
C LEU A 138 8.03 8.28 -8.70
N ALA A 139 8.49 7.97 -7.50
CA ALA A 139 7.92 8.52 -6.27
C ALA A 139 8.11 10.06 -6.25
N ARG A 140 9.30 10.53 -6.68
CA ARG A 140 9.62 11.96 -6.73
C ARG A 140 8.66 12.67 -7.67
N SER A 141 8.37 12.05 -8.84
CA SER A 141 7.41 12.63 -9.81
C SER A 141 6.01 12.77 -9.22
N TYR A 142 5.63 11.83 -8.35
CA TYR A 142 4.34 11.83 -7.68
C TYR A 142 4.26 12.77 -6.47
N GLY A 143 5.42 13.10 -5.89
CA GLY A 143 5.54 13.89 -4.69
C GLY A 143 5.18 13.05 -3.48
N ILE A 144 5.61 11.76 -3.48
CA ILE A 144 5.29 10.82 -2.39
C ILE A 144 6.56 10.12 -1.88
N PRO A 145 6.56 9.69 -0.61
CA PRO A 145 7.74 8.97 -0.10
C PRO A 145 7.91 7.58 -0.74
N PHE A 146 9.15 7.08 -0.71
CA PHE A 146 9.51 5.78 -1.27
C PHE A 146 10.34 5.02 -0.26
N ILE A 147 9.79 3.92 0.26
CA ILE A 147 10.42 3.08 1.27
C ILE A 147 10.66 1.67 0.70
N GLU A 148 11.87 1.15 0.85
CA GLU A 148 12.18 -0.22 0.49
C GLU A 148 11.93 -1.07 1.73
N THR A 149 11.24 -2.21 1.59
CA THR A 149 10.92 -3.05 2.74
C THR A 149 11.24 -4.54 2.50
N SER A 150 11.14 -5.32 3.56
CA SER A 150 11.24 -6.75 3.49
C SER A 150 10.32 -7.24 4.56
N ALA A 151 9.21 -7.88 4.20
CA ALA A 151 8.33 -8.50 5.17
C ALA A 151 9.01 -9.71 5.82
N LYS A 152 10.01 -10.34 5.15
CA LYS A 152 10.66 -11.53 5.70
C LYS A 152 11.51 -11.18 6.92
N THR A 153 12.37 -10.17 6.77
CA THR A 153 13.24 -9.71 7.86
C THR A 153 12.59 -8.59 8.71
N ARG A 154 11.41 -8.08 8.29
CA ARG A 154 10.66 -6.98 8.89
C ARG A 154 11.27 -5.59 8.66
N GLN A 155 12.34 -5.53 7.88
CA GLN A 155 13.06 -4.33 7.52
C GLN A 155 12.14 -3.32 6.86
N GLY A 156 12.11 -2.13 7.45
CA GLY A 156 11.31 -1.00 6.98
C GLY A 156 9.79 -1.14 7.02
N VAL A 157 9.27 -2.23 7.57
CA VAL A 157 7.82 -2.49 7.61
C VAL A 157 7.09 -1.40 8.37
N ASP A 158 7.49 -1.14 9.63
CA ASP A 158 6.91 -0.07 10.45
C ASP A 158 7.09 1.28 9.78
N ASP A 159 8.30 1.60 9.28
CA ASP A 159 8.55 2.88 8.62
C ASP A 159 7.62 3.10 7.42
N ALA A 160 7.25 2.03 6.70
CA ALA A 160 6.37 2.17 5.53
C ALA A 160 4.95 2.59 5.95
N PHE A 161 4.32 1.91 6.91
CA PHE A 161 2.96 2.28 7.34
C PHE A 161 2.96 3.56 8.18
N TYR A 162 3.99 3.81 9.03
CA TYR A 162 4.05 5.03 9.86
C TYR A 162 4.20 6.27 8.93
N THR A 163 4.99 6.14 7.84
CA THR A 163 5.18 7.22 6.86
C THR A 163 3.87 7.55 6.17
N LEU A 164 3.04 6.51 5.90
CA LEU A 164 1.73 6.71 5.28
C LEU A 164 0.83 7.49 6.19
N VAL A 165 0.86 7.19 7.49
CA VAL A 165 0.08 7.91 8.50
C VAL A 165 0.52 9.37 8.55
N ARG A 166 1.84 9.62 8.50
CA ARG A 166 2.43 10.95 8.46
C ARG A 166 1.90 11.72 7.24
N GLU A 167 1.86 11.08 6.04
CA GLU A 167 1.32 11.71 4.84
C GLU A 167 -0.15 12.10 5.01
N ILE A 168 -0.94 11.26 5.70
CA ILE A 168 -2.34 11.53 6.00
C ILE A 168 -2.48 12.72 6.98
N ARG A 169 -1.56 12.85 7.95
CA ARG A 169 -1.62 13.98 8.88
C ARG A 169 -1.37 15.29 8.11
N LYS A 170 -0.33 15.31 7.26
CA LYS A 170 0.04 16.47 6.45
C LYS A 170 -1.10 16.88 5.54
N HIS A 171 -1.83 15.91 4.98
CA HIS A 171 -2.97 16.19 4.11
C HIS A 171 -4.16 16.71 4.93
N LYS A 172 -4.44 16.09 6.09
CA LYS A 172 -5.55 16.45 6.97
C LYS A 172 -5.41 17.87 7.53
N GLU A 173 -4.17 18.29 7.85
CA GLU A 173 -3.97 19.64 8.36
C GLU A 173 -3.95 20.70 7.23
N LYS A 174 -3.68 20.28 5.99
CA LYS A 174 -3.71 21.16 4.84
C LYS A 174 -5.17 21.50 4.48
N MET A 175 -6.09 20.54 4.62
CA MET A 175 -7.50 20.79 4.35
C MET A 175 -8.23 21.13 5.65
N MAA B 1 -16.50 1.24 -14.30
CM MAA B 1 -17.15 2.54 -14.46
CA MAA B 1 -15.40 0.93 -15.22
CB MAA B 1 -15.92 0.75 -16.64
C MAA B 1 -14.30 2.00 -15.17
O MAA B 1 -13.82 2.46 -16.21
N ILE B 2 -13.94 2.41 -13.95
CA ILE B 2 -12.81 3.29 -13.75
C ILE B 2 -11.48 2.54 -13.93
N SAR B 3 -10.58 2.97 -14.85
CA SAR B 3 -9.27 2.39 -14.94
C SAR B 3 -8.16 3.34 -14.45
O SAR B 3 -8.42 4.27 -13.70
CN SAR B 3 -10.83 4.00 -15.86
N SAR B 4 -6.89 3.08 -14.82
CA SAR B 4 -6.52 1.92 -15.63
C SAR B 4 -6.44 0.67 -14.74
O SAR B 4 -6.76 0.75 -13.56
CN SAR B 4 -5.80 3.93 -14.36
N 7T2 B 5 -6.06 -0.50 -15.31
C 7T2 B 5 -4.79 -2.21 -14.03
O 7T2 B 5 -4.02 -2.74 -14.83
CA 7T2 B 5 -6.18 -1.73 -14.50
CB 7T2 B 5 -6.99 -2.89 -15.10
CG 7T2 B 5 -8.41 -2.54 -15.44
CD1 7T2 B 5 -9.06 -3.14 -16.50
CD2 7T2 B 5 -9.11 -1.60 -14.71
CE1 7T2 B 5 -10.35 -2.83 -16.83
CE2 7T2 B 5 -10.41 -1.27 -15.02
CZ 7T2 B 5 -11.02 -1.89 -16.09
CM 7T2 B 5 -5.52 -0.63 -16.66
CL 7T2 B 5 -12.66 -1.45 -16.52
N SAR B 6 -4.46 -2.08 -12.73
CA SAR B 6 -5.40 -1.71 -11.69
C SAR B 6 -6.35 -2.86 -11.35
O SAR B 6 -6.28 -3.94 -11.93
CN SAR B 6 -3.10 -2.39 -12.28
N FCL B 7 -7.27 -2.61 -10.43
CA FCL B 7 -8.36 -3.53 -10.15
C FCL B 7 -9.37 -3.54 -11.28
O FCL B 7 -9.79 -2.49 -11.75
CB FCL B 7 -9.02 -3.19 -8.81
CG FCL B 7 -8.07 -3.36 -7.65
CD1 FCL B 7 -7.66 -4.63 -7.27
CD2 FCL B 7 -7.51 -2.26 -7.03
CE1 FCL B 7 -6.75 -4.80 -6.25
CE2 FCL B 7 -6.60 -2.44 -5.99
CL1 FCL B 7 -6.26 -6.41 -5.77
CZ FCL B 7 -6.21 -3.71 -5.59
N TRP B 8 -9.74 -4.75 -11.72
CA TRP B 8 -10.88 -4.91 -12.61
C TRP B 8 -12.20 -4.54 -11.91
C1 MEA B 9 -13.23 -4.04 -14.11
N MEA B 9 -13.28 -4.18 -12.65
CA MEA B 9 -14.59 -3.86 -12.02
C MEA B 9 -14.53 -2.77 -10.88
O MEA B 9 -15.15 -2.98 -9.84
CB MEA B 9 -15.36 -5.10 -11.54
CG MEA B 9 -15.34 -6.16 -12.60
CD1 MEA B 9 -16.20 -6.08 -13.70
CE1 MEA B 9 -16.13 -7.01 -14.73
CZ MEA B 9 -15.19 -8.01 -14.69
CE2 MEA B 9 -14.31 -8.08 -13.63
CD2 MEA B 9 -14.40 -7.18 -12.58
N MVA B 10 -13.89 -1.58 -11.07
CN MVA B 10 -13.20 -1.19 -12.31
CA MVA B 10 -14.00 -0.56 -10.02
CB MVA B 10 -12.65 -0.02 -9.50
CG1 MVA B 10 -12.88 1.00 -8.41
CG2 MVA B 10 -11.80 -1.16 -8.96
C MVA B 10 -14.88 0.56 -10.57
O MVA B 10 -14.39 1.57 -11.05
N 7TK B 11 -16.19 0.33 -10.54
CA 7TK B 11 -17.17 1.28 -11.05
C 7TK B 11 -18.21 1.53 -9.95
O 7TK B 11 -19.37 1.12 -10.06
CB 7TK B 11 -17.83 0.66 -12.29
CG 7TK B 11 -16.90 0.28 -13.42
OD1 7TK B 11 -16.53 -0.90 -13.56
N5 7TK B 11 -17.83 2.19 -8.84
C4 7TK B 11 -18.68 2.25 -7.63
C3 7TK B 11 -17.87 3.10 -6.65
C2 7TK B 11 -16.46 2.89 -7.09
C1 7TK B 11 -16.58 2.92 -8.59
PB GDP C . 0.22 -10.61 -1.90
O1B GDP C . 0.71 -9.36 -2.45
O2B GDP C . -0.35 -11.44 -3.05
O3B GDP C . -0.68 -10.51 -0.72
O3A GDP C . 1.54 -11.37 -1.41
PA GDP C . 1.91 -12.31 -0.16
O1A GDP C . 1.90 -11.52 1.08
O2A GDP C . 0.88 -13.39 0.02
O5' GDP C . 3.34 -12.80 -0.62
C5' GDP C . 3.62 -13.48 -1.86
C4' GDP C . 4.77 -14.42 -1.60
O4' GDP C . 5.99 -13.65 -1.39
C3' GDP C . 4.60 -15.30 -0.36
O3' GDP C . 5.16 -16.59 -0.59
C2' GDP C . 5.35 -14.51 0.71
O2' GDP C . 5.81 -15.29 1.80
C1' GDP C . 6.51 -13.92 -0.10
N9 GDP C . 7.03 -12.66 0.45
C8 GDP C . 6.31 -11.60 0.95
N7 GDP C . 7.07 -10.62 1.38
C5 GDP C . 8.36 -11.04 1.13
C6 GDP C . 9.65 -10.40 1.37
O6 GDP C . 9.85 -9.25 1.71
N1 GDP C . 10.70 -11.23 1.02
C2 GDP C . 10.59 -12.48 0.48
N2 GDP C . 11.72 -13.12 0.20
N3 GDP C . 9.42 -13.07 0.22
C4 GDP C . 8.35 -12.30 0.57
MG MG D . -2.62 -11.39 -0.25
I IOD E . -0.61 0.13 21.78
#